data_9H07
#
_entry.id   9H07
#
_cell.length_a   59.959
_cell.length_b   59.959
_cell.length_c   231.749
_cell.angle_alpha   90.00
_cell.angle_beta   90.00
_cell.angle_gamma   90.00
#
_symmetry.space_group_name_H-M   'P 43 21 2'
#
loop_
_entity.id
_entity.type
_entity.pdbx_description
1 polymer 'Methyltransferase domain-containing protein'
2 non-polymer S-ADENOSYL-L-HOMOCYSTEINE
3 non-polymer '2,4,6-trimethylbenzenesulfonic acid'
4 water water
#
_entity_poly.entity_id   1
_entity_poly.type   'polypeptide(L)'
_entity_poly.pdbx_seq_one_letter_code
;GSGSDQSPKPLATRDEKITYLRKIIGDKGSDAWDVAWQEGVTPWDQGKIQPPLRDFIESNDGKALVNKKSDNARVLVPGC
GKGYDAAYFASLGYETLGADLSSTAIEKAKEFWAESPELKSGKLSFQTLDFFKFEVPEAKYDLVYDYTFFCALPPDLRAP
WGARMRELVRPGGTLITLVYPIDGARSGGPPYSIDVQKVTDALQGSEEGSAEPGKYWTKVLDIVPQTSSPDHVGRERLVV
WERINKPLQDKL
;
_entity_poly.pdbx_strand_id   A
#
loop_
_chem_comp.id
_chem_comp.type
_chem_comp.name
_chem_comp.formula
A1IRH non-polymer '2,4,6-trimethylbenzenesulfonic acid' 'C9 H12 O3 S'
SAH non-polymer S-ADENOSYL-L-HOMOCYSTEINE 'C14 H20 N6 O5 S'
#
# COMPACT_ATOMS: atom_id res chain seq x y z
N THR A 13 9.63 -6.01 -23.80
CA THR A 13 9.48 -4.62 -23.37
C THR A 13 8.43 -4.51 -22.26
N ARG A 14 8.60 -3.49 -21.41
CA ARG A 14 7.66 -3.28 -20.31
C ARG A 14 6.26 -2.94 -20.80
N ASP A 15 6.14 -2.33 -21.97
CA ASP A 15 4.80 -2.08 -22.49
C ASP A 15 4.09 -3.38 -22.81
N GLU A 16 4.84 -4.37 -23.29
CA GLU A 16 4.28 -5.72 -23.46
C GLU A 16 3.87 -6.32 -22.13
N LYS A 17 4.72 -6.19 -21.12
CA LYS A 17 4.43 -6.81 -19.83
C LYS A 17 3.12 -6.26 -19.25
N ILE A 18 2.89 -4.95 -19.37
CA ILE A 18 1.62 -4.37 -18.95
C ILE A 18 0.47 -4.93 -19.77
N THR A 19 0.62 -4.95 -21.10
CA THR A 19 -0.44 -5.44 -21.98
C THR A 19 -0.82 -6.86 -21.61
N TYR A 20 0.18 -7.71 -21.37
CA TYR A 20 -0.08 -9.08 -20.97
C TYR A 20 -0.77 -9.14 -19.61
N LEU A 21 -0.27 -8.35 -18.65
CA LEU A 21 -0.89 -8.27 -17.33
C LEU A 21 -2.37 -7.92 -17.45
N ARG A 22 -2.69 -6.91 -18.28
CA ARG A 22 -4.10 -6.58 -18.43
C ARG A 22 -4.88 -7.74 -19.02
N LYS A 23 -4.22 -8.56 -19.86
CA LYS A 23 -4.92 -9.70 -20.43
C LYS A 23 -5.27 -10.70 -19.34
N ILE A 24 -4.27 -11.16 -18.57
CA ILE A 24 -4.52 -12.17 -17.55
C ILE A 24 -5.59 -11.68 -16.58
N ILE A 25 -5.55 -10.40 -16.20
CA ILE A 25 -6.51 -9.87 -15.25
C ILE A 25 -7.91 -9.90 -15.86
N GLY A 26 -8.03 -9.54 -17.14
CA GLY A 26 -9.31 -9.68 -17.81
C GLY A 26 -9.80 -11.12 -17.85
N ASP A 27 -8.90 -12.08 -18.02
CA ASP A 27 -9.30 -13.49 -18.14
C ASP A 27 -9.51 -14.13 -16.76
N LYS A 28 -8.52 -14.01 -15.87
CA LYS A 28 -8.51 -14.76 -14.62
C LYS A 28 -8.87 -13.91 -13.41
N GLY A 29 -9.19 -12.62 -13.60
CA GLY A 29 -9.57 -11.77 -12.47
C GLY A 29 -8.46 -11.65 -11.44
N SER A 30 -8.87 -11.69 -10.17
CA SER A 30 -7.91 -11.47 -9.08
C SER A 30 -6.85 -12.59 -9.02
N ASP A 31 -7.17 -13.78 -9.56
CA ASP A 31 -6.18 -14.85 -9.56
C ASP A 31 -5.02 -14.57 -10.51
N ALA A 32 -5.20 -13.67 -11.47
CA ALA A 32 -4.10 -13.34 -12.38
C ALA A 32 -2.85 -12.85 -11.65
N TRP A 33 -3.00 -12.38 -10.40
CA TRP A 33 -1.86 -11.76 -9.74
C TRP A 33 -0.80 -12.80 -9.41
N ASP A 34 -1.19 -13.90 -8.74
CA ASP A 34 -0.21 -14.93 -8.44
C ASP A 34 0.39 -15.53 -9.71
N VAL A 35 -0.41 -15.64 -10.78
CA VAL A 35 0.13 -16.03 -12.09
C VAL A 35 1.24 -15.07 -12.51
N ALA A 36 0.91 -13.78 -12.57
CA ALA A 36 1.90 -12.79 -12.99
C ALA A 36 3.17 -12.89 -12.15
N TRP A 37 3.03 -13.11 -10.84
CA TRP A 37 4.20 -13.16 -9.97
C TRP A 37 5.08 -14.35 -10.31
N GLN A 38 4.50 -15.55 -10.38
CA GLN A 38 5.29 -16.73 -10.66
C GLN A 38 5.83 -16.73 -12.11
N GLU A 39 5.05 -16.25 -13.08
CA GLU A 39 5.60 -16.03 -14.41
C GLU A 39 6.65 -14.93 -14.47
N GLY A 40 6.89 -14.18 -13.38
CA GLY A 40 7.89 -13.14 -13.39
C GLY A 40 7.54 -11.86 -14.13
N VAL A 41 6.30 -11.69 -14.59
CA VAL A 41 5.89 -10.41 -15.18
C VAL A 41 5.45 -9.45 -14.07
N THR A 42 6.41 -8.67 -13.57
CA THR A 42 6.19 -7.82 -12.40
C THR A 42 6.65 -6.39 -12.68
N PRO A 43 6.15 -5.76 -13.74
CA PRO A 43 6.75 -4.49 -14.18
C PRO A 43 6.65 -3.36 -13.15
N TRP A 44 5.89 -3.53 -12.07
CA TRP A 44 5.80 -2.56 -11.00
C TRP A 44 6.97 -2.62 -10.02
N ASP A 45 7.61 -3.78 -9.89
CA ASP A 45 8.58 -3.97 -8.82
C ASP A 45 9.76 -3.03 -8.98
N GLN A 46 10.01 -2.22 -7.94
CA GLN A 46 11.05 -1.20 -7.98
C GLN A 46 12.25 -1.54 -7.12
N GLY A 47 12.27 -2.66 -6.43
CA GLY A 47 13.37 -3.02 -5.57
C GLY A 47 13.49 -2.25 -4.27
N LYS A 48 12.82 -1.11 -4.12
CA LYS A 48 12.98 -0.31 -2.91
C LYS A 48 11.70 0.44 -2.62
N ILE A 49 11.63 1.01 -1.41
CA ILE A 49 10.52 1.91 -1.11
C ILE A 49 10.62 3.14 -1.99
N GLN A 50 9.52 3.88 -2.05
CA GLN A 50 9.52 5.14 -2.75
C GLN A 50 10.04 6.22 -1.81
N PRO A 51 10.92 7.09 -2.31
CA PRO A 51 11.57 8.11 -1.46
C PRO A 51 10.58 8.92 -0.62
N PRO A 52 9.43 9.35 -1.19
CA PRO A 52 8.48 10.14 -0.36
C PRO A 52 8.14 9.50 0.99
N LEU A 53 8.07 8.18 1.06
CA LEU A 53 7.72 7.54 2.32
C LEU A 53 8.78 7.82 3.37
N ARG A 54 10.06 7.61 3.01
CA ARG A 54 11.12 7.82 3.98
C ARG A 54 11.17 9.29 4.40
N ASP A 55 11.10 10.20 3.42
CA ASP A 55 11.16 11.62 3.72
C ASP A 55 10.03 12.06 4.63
N PHE A 56 8.82 11.56 4.38
CA PHE A 56 7.74 11.89 5.29
C PHE A 56 8.05 11.38 6.70
N ILE A 57 8.54 10.17 6.81
CA ILE A 57 8.79 9.59 8.13
C ILE A 57 9.88 10.35 8.87
N GLU A 58 10.96 10.66 8.17
CA GLU A 58 12.07 11.47 8.70
C GLU A 58 11.70 12.94 8.84
N SER A 59 10.61 13.38 8.23
CA SER A 59 10.13 14.74 8.43
C SER A 59 9.53 14.90 9.83
N ASN A 60 9.25 16.14 10.21
CA ASN A 60 8.73 16.38 11.55
C ASN A 60 7.27 15.98 11.68
N ASP A 61 6.48 16.23 10.65
CA ASP A 61 5.10 15.77 10.65
C ASP A 61 5.03 14.24 10.80
N GLY A 62 6.00 13.53 10.25
CA GLY A 62 6.03 12.09 10.37
C GLY A 62 6.61 11.66 11.69
N LYS A 63 7.66 12.36 12.15
CA LYS A 63 8.22 12.07 13.47
C LYS A 63 7.17 12.15 14.55
N ALA A 64 6.15 13.00 14.37
CA ALA A 64 5.02 13.05 15.30
C ALA A 64 4.37 11.67 15.46
N LEU A 65 4.11 10.97 14.34
CA LEU A 65 3.45 9.67 14.42
C LEU A 65 4.33 8.62 15.08
N VAL A 66 5.63 8.61 14.76
CA VAL A 66 6.51 7.53 15.21
C VAL A 66 6.84 7.65 16.70
N ASN A 67 6.76 8.88 17.26
CA ASN A 67 6.86 9.05 18.70
C ASN A 67 5.54 8.83 19.41
N LYS A 68 4.41 8.99 18.71
CA LYS A 68 3.11 8.53 19.21
C LYS A 68 3.03 7.01 19.25
N LYS A 69 3.98 6.30 18.60
CA LYS A 69 3.99 4.84 18.51
C LYS A 69 3.97 4.20 19.89
N SER A 70 2.91 3.43 20.15
CA SER A 70 2.80 2.63 21.37
C SER A 70 3.69 1.38 21.27
N ASP A 71 3.76 0.63 22.38
CA ASP A 71 4.69 -0.49 22.47
C ASP A 71 4.41 -1.55 21.40
N ASN A 72 3.13 -1.73 21.05
CA ASN A 72 2.72 -2.77 20.12
C ASN A 72 2.08 -2.18 18.87
N ALA A 73 2.43 -0.94 18.53
CA ALA A 73 1.89 -0.30 17.32
C ALA A 73 2.02 -1.23 16.12
N ARG A 74 0.90 -1.47 15.45
CA ARG A 74 0.84 -2.41 14.35
C ARG A 74 0.68 -1.67 13.03
N VAL A 75 1.37 -2.17 11.99
CA VAL A 75 1.32 -1.59 10.67
C VAL A 75 0.88 -2.68 9.72
N LEU A 76 -0.05 -2.34 8.83
CA LEU A 76 -0.46 -3.23 7.77
C LEU A 76 0.00 -2.62 6.45
N VAL A 77 0.53 -3.46 5.57
CA VAL A 77 0.92 -2.99 4.25
C VAL A 77 0.24 -3.91 3.26
N PRO A 78 -0.96 -3.56 2.82
CA PRO A 78 -1.68 -4.39 1.85
C PRO A 78 -1.05 -4.34 0.46
N GLY A 79 -1.25 -5.41 -0.30
CA GLY A 79 -0.63 -5.53 -1.62
C GLY A 79 0.85 -5.23 -1.54
N CYS A 80 1.53 -5.80 -0.54
CA CYS A 80 2.90 -5.39 -0.26
C CYS A 80 3.92 -5.84 -1.29
N GLY A 81 3.57 -6.77 -2.18
CA GLY A 81 4.55 -7.23 -3.18
C GLY A 81 5.75 -7.86 -2.51
N LYS A 82 6.96 -7.48 -2.96
CA LYS A 82 8.16 -7.98 -2.28
C LYS A 82 8.34 -7.35 -0.92
N GLY A 83 7.52 -6.38 -0.54
CA GLY A 83 7.42 -5.95 0.86
C GLY A 83 8.44 -4.95 1.32
N TYR A 84 8.97 -4.12 0.40
CA TYR A 84 9.90 -3.05 0.75
C TYR A 84 9.32 -2.15 1.84
N ASP A 85 8.08 -1.70 1.63
CA ASP A 85 7.44 -0.81 2.59
C ASP A 85 7.24 -1.50 3.93
N ALA A 86 6.75 -2.74 3.91
CA ALA A 86 6.59 -3.46 5.17
C ALA A 86 7.92 -3.51 5.92
N ALA A 87 8.98 -3.90 5.21
CA ALA A 87 10.30 -3.99 5.82
C ALA A 87 10.77 -2.63 6.34
N TYR A 88 10.46 -1.54 5.62
CA TYR A 88 10.79 -0.22 6.15
C TYR A 88 10.13 0.03 7.50
N PHE A 89 8.82 -0.18 7.60
CA PHE A 89 8.13 0.09 8.86
C PHE A 89 8.61 -0.83 9.97
N ALA A 90 8.93 -2.08 9.64
CA ALA A 90 9.48 -2.96 10.64
C ALA A 90 10.79 -2.42 11.21
N SER A 91 11.62 -1.83 10.34
CA SER A 91 12.91 -1.32 10.78
C SER A 91 12.77 -0.12 11.70
N LEU A 92 11.63 0.57 11.65
CA LEU A 92 11.28 1.66 12.54
C LEU A 92 10.78 1.18 13.90
N GLY A 93 10.68 -0.13 14.11
CA GLY A 93 10.18 -0.67 15.36
C GLY A 93 8.72 -1.04 15.36
N TYR A 94 8.01 -0.86 14.26
CA TYR A 94 6.62 -1.23 14.20
C TYR A 94 6.47 -2.71 13.97
N GLU A 95 5.60 -3.35 14.75
CA GLU A 95 5.19 -4.70 14.39
C GLU A 95 4.36 -4.62 13.11
N THR A 96 4.85 -5.24 12.04
CA THR A 96 4.39 -4.94 10.70
C THR A 96 3.94 -6.20 9.99
N LEU A 97 2.81 -6.14 9.29
CA LEU A 97 2.35 -7.24 8.47
C LEU A 97 2.34 -6.77 7.03
N GLY A 98 3.05 -7.50 6.17
CA GLY A 98 2.92 -7.34 4.75
C GLY A 98 2.03 -8.46 4.23
N ALA A 99 1.02 -8.07 3.46
CA ALA A 99 0.01 -9.01 2.99
C ALA A 99 -0.14 -8.80 1.50
N ASP A 100 0.01 -9.88 0.76
CA ASP A 100 -0.24 -9.88 -0.68
C ASP A 100 -1.13 -11.06 -1.01
N LEU A 101 -1.96 -10.88 -2.03
CA LEU A 101 -2.81 -11.96 -2.50
C LEU A 101 -1.99 -13.17 -2.94
N SER A 102 -0.78 -12.92 -3.47
CA SER A 102 -0.01 -13.92 -4.20
C SER A 102 0.98 -14.57 -3.25
N SER A 103 0.87 -15.90 -3.12
CA SER A 103 1.84 -16.63 -2.30
C SER A 103 3.23 -16.60 -2.91
N THR A 104 3.31 -16.51 -4.25
CA THR A 104 4.60 -16.31 -4.88
C THR A 104 5.28 -15.04 -4.38
N ALA A 105 4.58 -13.90 -4.53
CA ALA A 105 5.04 -12.63 -3.97
C ALA A 105 5.46 -12.78 -2.51
N ILE A 106 4.63 -13.42 -1.68
CA ILE A 106 4.99 -13.59 -0.26
C ILE A 106 6.23 -14.46 -0.12
N GLU A 107 6.40 -15.46 -0.99
CA GLU A 107 7.62 -16.26 -0.95
C GLU A 107 8.82 -15.44 -1.40
N LYS A 108 8.68 -14.72 -2.52
CA LYS A 108 9.77 -13.89 -2.99
C LYS A 108 10.10 -12.78 -1.98
N ALA A 109 9.12 -12.34 -1.19
CA ALA A 109 9.41 -11.33 -0.18
C ALA A 109 10.22 -11.92 0.96
N LYS A 110 9.90 -13.14 1.37
CA LYS A 110 10.65 -13.77 2.46
C LYS A 110 12.08 -14.09 2.06
N GLU A 111 12.30 -14.36 0.77
CA GLU A 111 13.66 -14.46 0.28
C GLU A 111 14.34 -13.10 0.33
N PHE A 112 13.72 -12.10 -0.30
CA PHE A 112 14.34 -10.80 -0.42
C PHE A 112 14.75 -10.25 0.94
N TRP A 113 13.95 -10.49 1.96
CA TRP A 113 14.22 -9.91 3.27
C TRP A 113 14.76 -10.94 4.25
N ALA A 114 15.29 -12.05 3.72
CA ALA A 114 15.68 -13.19 4.56
C ALA A 114 16.68 -12.78 5.64
N GLU A 115 17.58 -11.85 5.33
CA GLU A 115 18.61 -11.42 6.29
C GLU A 115 18.13 -10.32 7.21
N SER A 116 16.88 -9.87 7.05
CA SER A 116 16.41 -8.76 7.89
C SER A 116 16.31 -9.22 9.33
N PRO A 117 16.89 -8.48 10.28
CA PRO A 117 16.67 -8.82 11.70
C PRO A 117 15.19 -8.91 12.04
N GLU A 118 14.38 -8.01 11.49
CA GLU A 118 12.96 -7.97 11.82
C GLU A 118 12.22 -9.20 11.33
N LEU A 119 12.63 -9.78 10.19
CA LEU A 119 12.06 -11.07 9.81
C LEU A 119 12.34 -12.11 10.87
N LYS A 120 13.58 -12.17 11.36
CA LYS A 120 13.94 -13.15 12.36
C LYS A 120 13.21 -12.88 13.68
N SER A 121 13.26 -11.63 14.14
CA SER A 121 12.60 -11.27 15.40
C SER A 121 11.07 -11.45 15.36
N GLY A 122 10.45 -11.42 14.18
CA GLY A 122 9.00 -11.47 14.06
C GLY A 122 8.33 -10.11 13.93
N LYS A 123 9.04 -9.01 14.22
CA LYS A 123 8.54 -7.68 13.95
C LYS A 123 7.97 -7.58 12.55
N LEU A 124 8.73 -8.04 11.55
CA LEU A 124 8.26 -8.11 10.19
C LEU A 124 7.63 -9.46 9.93
N SER A 125 6.51 -9.46 9.20
CA SER A 125 5.77 -10.69 8.95
C SER A 125 5.09 -10.57 7.59
N PHE A 126 5.26 -11.59 6.76
CA PHE A 126 4.71 -11.64 5.40
C PHE A 126 3.71 -12.79 5.33
N GLN A 127 2.53 -12.54 4.78
CA GLN A 127 1.50 -13.56 4.74
C GLN A 127 0.67 -13.44 3.49
N THR A 128 0.33 -14.58 2.90
CA THR A 128 -0.62 -14.60 1.79
C THR A 128 -2.00 -14.40 2.38
N LEU A 129 -2.59 -13.24 2.10
CA LEU A 129 -3.86 -12.80 2.66
C LEU A 129 -4.57 -12.03 1.57
N ASP A 130 -5.88 -12.24 1.48
CA ASP A 130 -6.72 -11.38 0.66
C ASP A 130 -7.10 -10.17 1.47
N PHE A 131 -6.73 -8.98 0.99
CA PHE A 131 -7.05 -7.75 1.71
C PHE A 131 -8.53 -7.68 2.04
N PHE A 132 -9.37 -8.11 1.10
CA PHE A 132 -10.81 -8.08 1.23
C PHE A 132 -11.37 -9.14 2.16
N LYS A 133 -10.61 -10.20 2.48
CA LYS A 133 -11.18 -11.37 3.11
C LYS A 133 -10.68 -11.65 4.52
N PHE A 134 -9.46 -11.26 4.88
CA PHE A 134 -8.88 -11.76 6.11
C PHE A 134 -9.56 -11.15 7.34
N GLU A 135 -9.27 -11.74 8.50
CA GLU A 135 -9.94 -11.41 9.76
C GLU A 135 -9.24 -10.21 10.36
N VAL A 136 -9.91 -9.06 10.36
CA VAL A 136 -9.28 -7.88 10.95
C VAL A 136 -9.01 -8.20 12.42
N PRO A 137 -7.75 -8.16 12.85
CA PRO A 137 -7.45 -8.44 14.26
C PRO A 137 -8.25 -7.51 15.13
N GLU A 138 -8.65 -8.02 16.30
CA GLU A 138 -9.56 -7.25 17.14
C GLU A 138 -8.93 -5.91 17.56
N ALA A 139 -7.59 -5.84 17.61
CA ALA A 139 -6.94 -4.60 18.02
C ALA A 139 -6.91 -3.55 16.90
N LYS A 140 -7.13 -3.95 15.64
CA LYS A 140 -7.06 -3.06 14.48
C LYS A 140 -5.63 -2.53 14.30
N TYR A 141 -5.39 -1.86 13.18
CA TYR A 141 -4.05 -1.38 12.88
C TYR A 141 -3.91 0.10 13.23
N ASP A 142 -2.77 0.44 13.84
CA ASP A 142 -2.48 1.85 14.10
C ASP A 142 -2.09 2.59 12.84
N LEU A 143 -1.61 1.88 11.83
CA LEU A 143 -1.13 2.52 10.61
C LEU A 143 -1.25 1.55 9.46
N VAL A 144 -1.73 2.05 8.33
CA VAL A 144 -1.79 1.29 7.11
C VAL A 144 -1.13 2.15 6.06
N TYR A 145 -0.39 1.51 5.14
CA TYR A 145 0.29 2.23 4.08
C TYR A 145 -0.17 1.63 2.76
N ASP A 146 -0.78 2.47 1.90
CA ASP A 146 -1.25 2.01 0.60
C ASP A 146 -0.43 2.66 -0.48
N TYR A 147 0.37 1.85 -1.15
CA TYR A 147 1.11 2.27 -2.33
C TYR A 147 0.97 1.19 -3.39
N THR A 148 0.66 1.60 -4.62
CA THR A 148 0.43 0.69 -5.74
C THR A 148 -0.43 -0.49 -5.33
N PHE A 149 -1.44 -0.19 -4.51
CA PHE A 149 -2.50 -1.14 -4.20
C PHE A 149 -3.83 -0.58 -4.69
N PHE A 150 -4.30 0.52 -4.11
CA PHE A 150 -5.49 1.17 -4.61
C PHE A 150 -5.47 1.27 -6.13
N CYS A 151 -4.33 1.66 -6.71
CA CYS A 151 -4.27 1.86 -8.15
C CYS A 151 -4.21 0.56 -8.93
N ALA A 152 -4.03 -0.57 -8.23
CA ALA A 152 -4.10 -1.87 -8.89
C ALA A 152 -5.51 -2.39 -8.98
N LEU A 153 -6.39 -1.90 -8.10
CA LEU A 153 -7.75 -2.42 -8.04
C LEU A 153 -8.57 -1.88 -9.21
N PRO A 154 -9.38 -2.70 -9.85
CA PRO A 154 -10.29 -2.18 -10.86
C PRO A 154 -11.26 -1.22 -10.23
N PRO A 155 -11.84 -0.31 -11.00
CA PRO A 155 -12.66 0.75 -10.40
C PRO A 155 -13.79 0.24 -9.52
N ASP A 156 -14.42 -0.87 -9.90
CA ASP A 156 -15.53 -1.40 -9.11
C ASP A 156 -15.12 -1.88 -7.70
N LEU A 157 -13.83 -1.82 -7.33
CA LEU A 157 -13.34 -2.30 -6.05
C LEU A 157 -12.93 -1.17 -5.10
N ARG A 158 -13.02 0.09 -5.53
CA ARG A 158 -12.52 1.16 -4.68
C ARG A 158 -13.40 1.34 -3.44
N ALA A 159 -14.73 1.28 -3.60
CA ALA A 159 -15.60 1.40 -2.44
C ALA A 159 -15.37 0.27 -1.44
N PRO A 160 -15.34 -1.01 -1.83
CA PRO A 160 -14.96 -2.04 -0.84
C PRO A 160 -13.61 -1.75 -0.22
N TRP A 161 -12.65 -1.30 -1.03
CA TRP A 161 -11.34 -0.93 -0.52
C TRP A 161 -11.48 0.10 0.60
N GLY A 162 -12.17 1.20 0.31
CA GLY A 162 -12.40 2.20 1.35
C GLY A 162 -13.14 1.65 2.54
N ALA A 163 -14.17 0.83 2.29
CA ALA A 163 -14.92 0.20 3.37
C ALA A 163 -14.01 -0.67 4.25
N ARG A 164 -13.12 -1.46 3.61
CA ARG A 164 -12.20 -2.29 4.37
C ARG A 164 -11.26 -1.42 5.20
N MET A 165 -10.70 -0.38 4.56
CA MET A 165 -9.82 0.56 5.24
C MET A 165 -10.47 1.10 6.50
N ARG A 166 -11.77 1.42 6.43
CA ARG A 166 -12.49 1.94 7.60
C ARG A 166 -12.47 0.96 8.78
N GLU A 167 -12.61 -0.36 8.50
CA GLU A 167 -12.54 -1.35 9.58
C GLU A 167 -11.12 -1.69 9.98
N LEU A 168 -10.14 -1.46 9.11
CA LEU A 168 -8.79 -1.93 9.43
C LEU A 168 -8.04 -0.96 10.32
N VAL A 169 -8.34 0.33 10.21
CA VAL A 169 -7.58 1.36 10.91
C VAL A 169 -8.31 1.70 12.19
N ARG A 170 -7.64 1.48 13.31
CA ARG A 170 -8.23 1.83 14.59
C ARG A 170 -8.56 3.33 14.60
N PRO A 171 -9.55 3.74 15.39
CA PRO A 171 -9.83 5.17 15.53
C PRO A 171 -8.62 5.94 16.05
N GLY A 172 -8.38 7.10 15.47
CA GLY A 172 -7.17 7.84 15.77
C GLY A 172 -5.94 7.30 15.10
N GLY A 173 -6.07 6.22 14.33
CA GLY A 173 -4.98 5.68 13.55
C GLY A 173 -4.76 6.47 12.28
N THR A 174 -3.78 6.00 11.50
CA THR A 174 -3.29 6.71 10.34
C THR A 174 -3.32 5.78 9.14
N LEU A 175 -3.75 6.32 8.02
CA LEU A 175 -3.67 5.64 6.74
C LEU A 175 -2.84 6.55 5.87
N ILE A 176 -1.68 6.10 5.44
CA ILE A 176 -0.87 6.85 4.48
C ILE A 176 -1.18 6.33 3.07
N THR A 177 -1.42 7.24 2.13
CA THR A 177 -1.69 6.85 0.76
C THR A 177 -0.74 7.63 -0.15
N LEU A 178 0.29 6.94 -0.65
CA LEU A 178 1.08 7.52 -1.72
C LEU A 178 0.22 7.35 -2.97
N VAL A 179 -0.44 8.42 -3.38
CA VAL A 179 -1.39 8.36 -4.49
C VAL A 179 -0.59 8.48 -5.77
N TYR A 180 -0.58 7.41 -6.55
CA TYR A 180 0.25 7.31 -7.74
C TYR A 180 -0.30 6.16 -8.54
N PRO A 181 -0.40 6.27 -9.88
CA PRO A 181 -0.06 7.41 -10.71
C PRO A 181 -1.23 8.37 -10.91
N ILE A 182 -0.98 9.66 -10.69
CA ILE A 182 -1.97 10.69 -11.01
C ILE A 182 -1.70 11.08 -12.46
N ASP A 183 -2.37 10.38 -13.37
CA ASP A 183 -2.11 10.43 -14.79
C ASP A 183 -3.25 11.07 -15.57
N GLY A 184 -4.27 11.59 -14.87
CA GLY A 184 -5.34 12.28 -15.59
C GLY A 184 -6.33 11.32 -16.19
N ALA A 185 -6.68 11.57 -17.45
CA ALA A 185 -7.81 10.88 -18.06
C ALA A 185 -7.46 9.48 -18.55
N ARG A 186 -6.16 9.12 -18.59
CA ARG A 186 -5.71 7.82 -19.10
C ARG A 186 -6.60 6.70 -18.59
N SER A 187 -7.13 5.90 -19.51
CA SER A 187 -8.18 4.95 -19.17
C SER A 187 -7.66 3.52 -18.94
N GLY A 188 -6.34 3.33 -18.89
CA GLY A 188 -5.77 1.99 -18.83
C GLY A 188 -6.18 1.19 -17.61
N GLY A 189 -6.00 -0.14 -17.72
CA GLY A 189 -6.14 -1.08 -16.64
C GLY A 189 -5.03 -0.86 -15.62
N PRO A 190 -4.58 -1.90 -14.94
CA PRO A 190 -3.54 -1.71 -13.92
C PRO A 190 -2.27 -1.20 -14.57
N PRO A 191 -1.66 -0.13 -14.04
CA PRO A 191 -2.12 0.69 -12.91
C PRO A 191 -3.13 1.72 -13.39
N TYR A 192 -4.21 1.93 -12.64
CA TYR A 192 -5.24 2.87 -13.02
C TYR A 192 -4.82 4.31 -12.70
N SER A 193 -5.23 5.25 -13.54
CA SER A 193 -4.98 6.63 -13.18
C SER A 193 -5.91 6.99 -12.03
N ILE A 194 -5.35 7.55 -10.98
CA ILE A 194 -6.12 7.88 -9.79
C ILE A 194 -5.81 9.31 -9.43
N ASP A 195 -6.53 9.81 -8.45
CA ASP A 195 -6.22 11.12 -7.88
C ASP A 195 -6.75 11.12 -6.45
N VAL A 196 -6.41 12.17 -5.71
CA VAL A 196 -6.86 12.29 -4.34
C VAL A 196 -8.38 12.20 -4.26
N GLN A 197 -9.07 12.80 -5.22
CA GLN A 197 -10.54 12.76 -5.19
C GLN A 197 -11.05 11.33 -5.14
N LYS A 198 -10.55 10.47 -6.05
CA LYS A 198 -11.00 9.07 -6.08
C LYS A 198 -10.73 8.36 -4.75
N VAL A 199 -9.60 8.68 -4.11
CA VAL A 199 -9.32 8.10 -2.81
C VAL A 199 -10.30 8.61 -1.77
N THR A 200 -10.56 9.93 -1.79
CA THR A 200 -11.47 10.54 -0.83
C THR A 200 -12.85 9.91 -0.90
N ASP A 201 -13.40 9.83 -2.12
CA ASP A 201 -14.72 9.22 -2.33
C ASP A 201 -14.76 7.80 -1.79
N ALA A 202 -13.71 7.02 -2.00
CA ALA A 202 -13.74 5.64 -1.52
C ALA A 202 -13.67 5.61 0.00
N LEU A 203 -12.82 6.46 0.59
CA LEU A 203 -12.61 6.39 2.03
C LEU A 203 -13.86 6.81 2.80
N GLN A 204 -14.62 7.80 2.29
CA GLN A 204 -15.75 8.39 3.03
C GLN A 204 -17.12 8.00 2.48
N GLY A 205 -17.21 7.07 1.53
CA GLY A 205 -18.50 6.56 1.08
C GLY A 205 -19.53 7.59 0.62
N PRO A 213 -18.31 13.69 3.06
CA PRO A 213 -17.12 14.49 3.39
C PRO A 213 -16.93 14.70 4.90
N GLY A 214 -15.80 14.24 5.43
CA GLY A 214 -15.53 14.29 6.85
C GLY A 214 -16.18 13.19 7.68
N LYS A 215 -16.90 12.26 7.04
CA LYS A 215 -17.64 11.27 7.80
C LYS A 215 -16.71 10.36 8.61
N TYR A 216 -15.71 9.75 7.97
CA TYR A 216 -14.93 8.72 8.64
C TYR A 216 -13.47 9.05 8.84
N TRP A 217 -12.93 10.02 8.09
CA TRP A 217 -11.52 10.33 8.10
C TRP A 217 -11.32 11.83 8.09
N THR A 218 -10.18 12.28 8.61
CA THR A 218 -9.69 13.63 8.38
C THR A 218 -8.43 13.58 7.53
N LYS A 219 -8.44 14.33 6.42
CA LYS A 219 -7.26 14.42 5.57
C LYS A 219 -6.31 15.43 6.18
N VAL A 220 -5.43 14.94 7.04
CA VAL A 220 -4.57 15.81 7.83
C VAL A 220 -3.52 16.48 6.95
N LEU A 221 -3.14 15.84 5.86
CA LEU A 221 -1.93 16.23 5.15
C LEU A 221 -2.02 15.72 3.73
N ASP A 222 -1.86 16.61 2.77
CA ASP A 222 -2.00 16.26 1.36
C ASP A 222 -0.94 17.10 0.66
N ILE A 223 0.17 16.48 0.26
CA ILE A 223 1.34 17.25 -0.18
C ILE A 223 1.90 16.70 -1.47
N VAL A 224 2.71 17.53 -2.11
CA VAL A 224 3.55 17.08 -3.21
C VAL A 224 4.92 16.75 -2.62
N PRO A 225 5.38 15.50 -2.69
CA PRO A 225 6.69 15.15 -2.13
C PRO A 225 7.78 15.97 -2.79
N GLN A 226 8.77 16.37 -1.99
CA GLN A 226 9.92 17.01 -2.60
C GLN A 226 10.87 16.02 -3.23
N THR A 227 10.71 14.74 -2.94
CA THR A 227 11.74 13.75 -3.21
C THR A 227 11.22 12.64 -4.11
N SER A 228 10.39 12.96 -5.09
CA SER A 228 9.76 11.91 -5.86
C SER A 228 10.79 11.19 -6.73
N SER A 229 10.57 9.90 -6.95
CA SER A 229 11.32 9.24 -8.01
C SER A 229 11.09 9.99 -9.31
N PRO A 230 12.07 9.99 -10.21
CA PRO A 230 11.95 10.81 -11.44
C PRO A 230 10.75 10.46 -12.32
N ASP A 231 10.50 9.17 -12.57
CA ASP A 231 9.32 8.79 -13.34
C ASP A 231 8.02 9.09 -12.58
N HIS A 232 8.11 9.40 -11.28
CA HIS A 232 6.95 9.71 -10.45
C HIS A 232 6.66 11.20 -10.39
N VAL A 233 7.59 12.02 -10.83
CA VAL A 233 7.49 13.46 -10.65
C VAL A 233 6.29 14.00 -11.42
N GLY A 234 5.47 14.80 -10.72
CA GLY A 234 4.25 15.32 -11.28
C GLY A 234 3.08 14.36 -11.35
N ARG A 235 3.24 13.11 -10.90
CA ARG A 235 2.16 12.12 -10.99
C ARG A 235 1.84 11.47 -9.65
N GLU A 236 2.19 12.13 -8.55
CA GLU A 236 2.13 11.47 -7.25
C GLU A 236 1.94 12.51 -6.15
N ARG A 237 1.11 12.17 -5.16
CA ARG A 237 0.90 13.01 -3.98
C ARG A 237 0.87 12.11 -2.76
N LEU A 238 1.49 12.55 -1.67
CA LEU A 238 1.41 11.81 -0.42
C LEU A 238 0.30 12.40 0.42
N VAL A 239 -0.61 11.55 0.90
CA VAL A 239 -1.77 12.00 1.66
C VAL A 239 -1.86 11.18 2.94
N VAL A 240 -1.98 11.86 4.07
CA VAL A 240 -2.09 11.20 5.37
C VAL A 240 -3.52 11.38 5.88
N TRP A 241 -4.17 10.28 6.25
CA TRP A 241 -5.56 10.27 6.68
C TRP A 241 -5.65 9.82 8.12
N GLU A 242 -6.39 10.55 8.94
CA GLU A 242 -6.61 10.11 10.31
C GLU A 242 -8.02 9.55 10.41
N ARG A 243 -8.14 8.40 11.08
CA ARG A 243 -9.44 7.78 11.33
C ARG A 243 -10.14 8.50 12.48
N ILE A 244 -11.37 8.97 12.24
CA ILE A 244 -12.17 9.60 13.27
C ILE A 244 -13.42 8.75 13.49
N ASN A 245 -13.95 8.77 14.71
CA ASN A 245 -15.19 7.97 15.01
C ASN A 245 -16.37 8.39 14.14
N SAH B . 2.84 -2.49 -3.30
CA SAH B . 3.60 -3.24 -4.27
CB SAH B . 2.81 -3.32 -5.57
CG SAH B . 2.57 -4.79 -6.06
SD SAH B . 1.49 -4.39 -7.46
C SAH B . 4.98 -2.59 -4.58
O SAH B . 5.26 -1.41 -4.17
OXT SAH B . 5.84 -3.21 -5.32
C5' SAH B . -0.17 -5.15 -7.07
C4' SAH B . 0.08 -6.05 -5.86
O4' SAH B . -0.97 -6.06 -5.04
C3' SAH B . 0.31 -7.51 -6.32
O3' SAH B . 1.37 -8.07 -5.61
C2' SAH B . -1.03 -8.18 -5.98
O2' SAH B . -0.80 -9.65 -5.75
C1' SAH B . -1.40 -7.58 -4.85
N9 SAH B . -2.85 -7.72 -4.67
C8 SAH B . -3.81 -7.64 -5.65
N7 SAH B . -5.01 -7.86 -5.08
C5 SAH B . -4.81 -8.08 -3.77
C6 SAH B . -5.71 -8.37 -2.77
N6 SAH B . -7.18 -8.52 -2.74
N1 SAH B . -5.26 -8.58 -1.50
C2 SAH B . -3.91 -8.49 -1.25
N3 SAH B . -3.02 -8.22 -2.26
C4 SAH B . -3.47 -8.01 -3.51
C1 A1IRH C . 2.64 -0.49 -12.43
C2 A1IRH C . 2.00 -1.61 -12.97
C3 A1IRH C . 2.34 -0.06 -11.13
C4 A1IRH C . 1.05 -2.26 -12.22
C5 A1IRH C . 0.77 -1.83 -10.93
C6 A1IRH C . 3.04 1.15 -10.51
C7 A1IRH C . -0.27 -2.57 -10.09
C8 A1IRH C . 1.41 -0.73 -10.40
C9 A1IRH C . 2.24 -2.15 -14.38
O1 A1IRH C . 5.20 0.60 -12.64
O2 A1IRH C . 4.18 0.00 -14.66
O3 A1IRH C . 3.55 1.91 -13.46
S1 A1IRH C . 3.90 0.49 -13.31
#